data_5KVD
#
_entry.id   5KVD
#
_cell.length_a   39.020
_cell.length_b   113.440
_cell.length_c   132.970
_cell.angle_alpha   90.000
_cell.angle_beta   90.000
_cell.angle_gamma   90.000
#
_symmetry.space_group_name_H-M   'P 21 21 21'
#
loop_
_entity.id
_entity.type
_entity.pdbx_description
1 polymer 'Zika Envelope DIII'
2 polymer 'ZV-2 Antibody Fab Light Chain'
3 polymer 'ZV-2 Antibody Fab Heavy Chain'
4 non-polymer 'SODIUM ION'
5 non-polymer '2-(N-MORPHOLINO)-ETHANESULFONIC ACID'
6 non-polymer 1,2-ETHANEDIOL
7 water water
#
loop_
_entity_poly.entity_id
_entity_poly.type
_entity_poly.pdbx_seq_one_letter_code
_entity_poly.pdbx_strand_id
1 'polypeptide(L)'
;MRLKGVSYSLCTAAFTFTKIPAETLHGTVTVEVQYAGTDGPCKVPAQMAVDMQTLTPVGRLITANPVITESTENSKMMLE
LDPPFGDSYIVIGVGEKKITHHWHRSGSTI
;
E
2 'polypeptide(L)'
;DIVMTQSPSSLSVSAGEKVTLSCKSSQSLLHSGNQKNYLAWYQQKPGQAPKLLIYGASTRESGVPDRFTGSGSGTDFTLT
ISSVQAEDLAVYYCQNDHSYPLTFGAGTKLELKRADAAPTVSIFPPSSEQLTSGGASVVCFLNNFYPKDINVKWKIDGSE
RQNGVLNSWTDQDSKDSTYSMSSTLTLTKDEYERHNSYTCEATHKTSTSPIVKSFNRNEC
;
L
3 'polypeptide(L)'
;(PCA)VQLQESGAELMKPGASVKLSCKTSGYTFIGYWIEWLKQRPGHGLEWVGEIFPGSGRTKYNEKFKGRATFTADTSS
NMAYMQLSSLTTEDSAIYYCARYYYGSYYALDYWGQGTSVTVSSAKTTAPSVYPLAPVCGGTTGSSVTLGCLVKGYFPEP
VTLTWNSGSLSSGVHTFPALLQSGLYTLSSSVTVTSNTWPSQTITCNVAHPASSTKVDKKIEPRVP
;
H
#
# COMPACT_ATOMS: atom_id res chain seq x y z
N MET A 1 7.99 34.48 23.83
CA MET A 1 8.48 33.15 23.50
C MET A 1 8.13 32.17 24.61
N ARG A 2 8.19 30.87 24.30
CA ARG A 2 7.87 29.84 25.28
C ARG A 2 9.01 29.66 26.27
N LEU A 3 8.66 29.54 27.56
CA LEU A 3 9.66 29.29 28.58
C LEU A 3 10.35 27.94 28.38
N LYS A 4 9.64 26.99 27.76
CA LYS A 4 10.16 25.63 27.61
C LYS A 4 11.57 25.61 27.06
N GLY A 5 11.79 26.29 25.94
CA GLY A 5 13.11 26.30 25.34
C GLY A 5 14.12 27.11 26.14
N VAL A 6 13.66 28.20 26.77
CA VAL A 6 14.57 29.05 27.54
C VAL A 6 15.17 28.25 28.69
N SER A 7 14.33 27.49 29.41
CA SER A 7 14.82 26.69 30.53
C SER A 7 15.72 25.55 30.07
N TYR A 8 15.59 25.12 28.82
CA TYR A 8 16.47 24.08 28.28
C TYR A 8 17.89 24.57 28.11
N SER A 9 18.04 25.89 27.93
CA SER A 9 19.27 26.55 27.48
C SER A 9 19.60 26.20 26.03
N LEU A 10 20.43 27.03 25.41
CA LEU A 10 20.70 26.90 23.99
C LEU A 10 21.50 25.63 23.67
N CYS A 11 21.17 25.01 22.54
CA CYS A 11 21.96 23.91 22.02
C CYS A 11 23.34 24.41 21.66
N THR A 12 24.36 23.62 21.99
CA THR A 12 25.75 24.05 21.81
C THR A 12 26.45 23.36 20.65
N ALA A 13 25.96 22.22 20.20
CA ALA A 13 26.63 21.46 19.15
C ALA A 13 26.28 22.02 17.78
N ALA A 14 26.77 21.37 16.74
CA ALA A 14 26.62 21.86 15.37
C ALA A 14 25.30 21.40 14.76
N PHE A 15 24.67 22.29 14.01
CA PHE A 15 23.52 21.97 13.17
C PHE A 15 23.97 21.85 11.71
N THR A 16 23.18 21.11 10.94
CA THR A 16 23.43 20.91 9.52
C THR A 16 22.09 20.95 8.79
N PHE A 17 22.05 21.63 7.65
CA PHE A 17 20.81 21.65 6.87
C PHE A 17 20.55 20.26 6.29
N THR A 18 19.28 19.87 6.22
CA THR A 18 18.93 18.56 5.68
C THR A 18 18.45 18.62 4.23
N LYS A 19 18.06 19.80 3.75
CA LYS A 19 17.57 20.00 2.39
C LYS A 19 17.50 21.51 2.17
N ILE A 20 17.31 21.90 0.91
CA ILE A 20 17.38 23.33 0.58
C ILE A 20 16.24 24.05 1.27
N PRO A 21 16.49 25.16 1.97
CA PRO A 21 15.39 25.92 2.59
C PRO A 21 14.37 26.34 1.55
N ALA A 22 13.10 26.28 1.95
CA ALA A 22 11.97 26.41 1.02
C ALA A 22 11.06 27.57 1.43
N GLU A 23 10.68 28.37 0.44
CA GLU A 23 9.78 29.49 0.68
C GLU A 23 8.34 29.00 0.79
N THR A 24 7.57 29.63 1.68
CA THR A 24 6.14 29.33 1.79
C THR A 24 5.33 30.27 0.89
N LEU A 25 4.04 29.99 0.76
CA LEU A 25 3.21 30.87 -0.08
C LEU A 25 3.08 32.26 0.53
N HIS A 26 3.37 32.42 1.82
CA HIS A 26 3.33 33.70 2.50
C HIS A 26 4.64 34.46 2.44
N GLY A 27 5.67 33.89 1.79
CA GLY A 27 6.97 34.52 1.78
C GLY A 27 7.82 34.26 3.01
N THR A 28 7.39 33.40 3.93
CA THR A 28 8.27 32.99 5.01
C THR A 28 9.17 31.86 4.50
N VAL A 29 10.10 31.40 5.34
CA VAL A 29 11.03 30.36 4.94
C VAL A 29 10.97 29.22 5.95
N THR A 30 10.86 27.99 5.46
CA THR A 30 10.92 26.80 6.30
C THR A 30 12.25 26.10 6.02
N VAL A 31 13.02 25.86 7.08
CA VAL A 31 14.35 25.28 6.94
C VAL A 31 14.51 24.18 7.98
N GLU A 32 14.91 22.99 7.52
CA GLU A 32 15.07 21.84 8.39
C GLU A 32 16.55 21.64 8.70
N VAL A 33 16.84 21.31 9.96
CA VAL A 33 18.21 21.07 10.39
C VAL A 33 18.27 19.74 11.12
N GLN A 34 19.48 19.20 11.19
CA GLN A 34 19.81 18.01 11.97
C GLN A 34 20.85 18.41 12.99
N TYR A 35 20.67 17.97 14.24
CA TYR A 35 21.49 18.42 15.36
C TYR A 35 22.47 17.33 15.75
N ALA A 36 23.75 17.66 15.77
CA ALA A 36 24.76 16.63 16.04
C ALA A 36 24.95 16.34 17.52
N GLY A 37 24.34 17.10 18.40
CA GLY A 37 24.66 17.01 19.81
C GLY A 37 23.79 16.03 20.57
N THR A 38 24.24 15.77 21.81
CA THR A 38 23.57 14.87 22.73
C THR A 38 23.16 15.60 24.01
N ASP A 39 23.14 16.93 23.99
CA ASP A 39 22.74 17.73 25.14
C ASP A 39 21.28 18.14 25.10
N GLY A 40 20.47 17.51 24.24
CA GLY A 40 19.04 17.75 24.28
C GLY A 40 18.47 17.20 25.58
N PRO A 41 17.38 17.80 26.08
CA PRO A 41 16.65 18.89 25.41
C PRO A 41 17.35 20.24 25.47
N CYS A 42 17.27 20.98 24.37
CA CYS A 42 17.94 22.27 24.30
C CYS A 42 17.22 23.14 23.28
N LYS A 43 17.48 24.45 23.36
CA LYS A 43 16.82 25.43 22.51
C LYS A 43 17.68 25.71 21.27
N VAL A 44 17.03 25.66 20.10
CA VAL A 44 17.69 25.93 18.83
C VAL A 44 17.85 27.43 18.65
N PRO A 45 19.08 27.96 18.58
CA PRO A 45 19.27 29.36 18.19
C PRO A 45 18.91 29.53 16.71
N ALA A 46 17.96 30.41 16.42
CA ALA A 46 17.48 30.58 15.05
C ALA A 46 17.09 32.03 14.84
N GLN A 47 17.70 32.67 13.85
CA GLN A 47 17.40 34.07 13.56
C GLN A 47 17.70 34.35 12.10
N MET A 48 17.22 35.49 11.63
CA MET A 48 17.69 36.10 10.39
C MET A 48 18.69 37.19 10.73
N ALA A 49 19.61 37.44 9.79
CA ALA A 49 20.62 38.47 9.99
C ALA A 49 20.98 39.07 8.64
N VAL A 50 21.34 40.35 8.66
CA VAL A 50 21.92 41.02 7.52
C VAL A 50 23.40 41.33 7.74
N ASP A 51 23.76 41.72 8.95
CA ASP A 51 25.14 42.02 9.32
C ASP A 51 25.71 40.80 10.04
N MET A 52 26.65 40.11 9.40
CA MET A 52 27.25 38.92 10.01
C MET A 52 28.21 39.25 11.14
N GLN A 53 28.61 40.51 11.29
CA GLN A 53 29.49 40.90 12.38
C GLN A 53 28.72 41.29 13.65
N THR A 54 27.60 41.97 13.50
CA THR A 54 26.78 42.33 14.66
C THR A 54 25.74 41.26 14.99
N LEU A 55 25.24 40.54 13.98
CA LEU A 55 24.24 39.50 14.14
C LEU A 55 22.94 40.05 14.77
N THR A 56 22.66 41.32 14.52
CA THR A 56 21.43 41.90 15.01
C THR A 56 20.23 41.20 14.38
N PRO A 57 19.28 40.71 15.17
CA PRO A 57 18.13 39.99 14.58
C PRO A 57 17.28 40.92 13.72
N VAL A 58 17.00 40.46 12.51
CA VAL A 58 16.06 41.10 11.59
C VAL A 58 14.99 40.07 11.26
N GLY A 59 13.87 40.57 10.72
CA GLY A 59 12.71 39.71 10.58
C GLY A 59 12.30 39.14 11.92
N ARG A 60 11.77 37.91 11.91
CA ARG A 60 11.38 37.28 13.17
C ARG A 60 11.33 35.77 13.02
N LEU A 61 11.45 35.08 14.15
CA LEU A 61 11.28 33.64 14.22
C LEU A 61 9.82 33.32 14.52
N ILE A 62 9.21 32.50 13.68
CA ILE A 62 7.80 32.15 13.86
C ILE A 62 7.62 30.90 14.72
N THR A 63 8.52 29.93 14.62
CA THR A 63 8.43 28.67 15.35
C THR A 63 8.11 28.91 16.83
N ALA A 64 7.03 28.27 17.29
CA ALA A 64 6.58 28.42 18.67
C ALA A 64 7.47 27.67 19.67
N ASN A 65 7.97 26.50 19.28
CA ASN A 65 8.82 25.68 20.14
C ASN A 65 10.09 25.30 19.39
N PRO A 66 11.05 26.26 19.24
CA PRO A 66 12.31 25.94 18.53
C PRO A 66 13.27 25.15 19.42
N VAL A 67 12.97 23.86 19.59
CA VAL A 67 13.72 23.03 20.53
C VAL A 67 14.12 21.71 19.86
N ILE A 68 15.19 21.13 20.38
CA ILE A 68 15.56 19.74 20.15
C ILE A 68 15.19 19.01 21.44
N THR A 69 14.13 18.19 21.42
CA THR A 69 13.74 17.51 22.64
C THR A 69 14.45 16.17 22.84
N GLU A 70 14.98 15.57 21.78
CA GLU A 70 15.68 14.30 21.92
C GLU A 70 17.11 14.52 22.40
N SER A 71 17.62 13.53 23.16
CA SER A 71 19.00 13.52 23.63
C SER A 71 19.91 12.67 22.75
N THR A 72 19.32 11.90 21.85
CA THR A 72 20.12 11.13 20.90
C THR A 72 20.61 12.05 19.77
N GLU A 73 21.70 11.64 19.15
CA GLU A 73 22.32 12.47 18.13
C GLU A 73 21.51 12.44 16.84
N ASN A 74 21.71 13.48 16.02
CA ASN A 74 21.19 13.58 14.65
C ASN A 74 19.68 13.75 14.60
N SER A 75 19.09 14.37 15.61
CA SER A 75 17.66 14.64 15.61
C SER A 75 17.33 15.86 14.75
N LYS A 76 16.19 15.80 14.06
CA LYS A 76 15.79 16.86 13.13
C LYS A 76 14.75 17.79 13.75
N MET A 77 14.75 19.03 13.27
CA MET A 77 13.77 20.03 13.68
C MET A 77 13.56 21.00 12.52
N MET A 78 12.33 21.49 12.37
CA MET A 78 11.98 22.46 11.35
C MET A 78 11.83 23.84 11.97
N LEU A 79 12.52 24.82 11.39
CA LEU A 79 12.37 26.21 11.80
C LEU A 79 11.63 26.98 10.72
N GLU A 80 10.85 27.98 11.14
CA GLU A 80 10.13 28.83 10.21
C GLU A 80 10.43 30.27 10.59
N LEU A 81 10.94 31.05 9.63
CA LEU A 81 11.33 32.42 9.88
C LEU A 81 10.64 33.35 8.89
N ASP A 82 10.44 34.58 9.32
CA ASP A 82 9.84 35.63 8.50
C ASP A 82 10.96 36.56 8.06
N PRO A 83 11.48 36.45 6.84
CA PRO A 83 12.70 37.15 6.48
C PRO A 83 12.44 38.62 6.21
N PRO A 84 13.41 39.49 6.42
CA PRO A 84 13.29 40.86 5.94
C PRO A 84 13.31 40.86 4.42
N PHE A 85 12.94 41.99 3.85
CA PHE A 85 12.97 42.12 2.40
C PHE A 85 14.39 42.36 1.92
N GLY A 86 14.66 41.92 0.70
CA GLY A 86 15.99 42.03 0.15
C GLY A 86 16.84 40.83 0.52
N ASP A 87 18.16 41.02 0.61
CA ASP A 87 19.07 39.94 0.94
C ASP A 87 19.26 39.83 2.44
N SER A 88 19.35 38.59 2.93
CA SER A 88 19.60 38.33 4.34
C SER A 88 20.14 36.92 4.48
N TYR A 89 20.37 36.51 5.72
CA TYR A 89 20.95 35.20 5.99
C TYR A 89 20.20 34.49 7.10
N ILE A 90 19.84 33.24 6.84
CA ILE A 90 19.39 32.34 7.90
C ILE A 90 20.59 31.98 8.75
N VAL A 91 20.45 32.09 10.07
CA VAL A 91 21.54 31.78 10.99
C VAL A 91 21.03 30.81 12.05
N ILE A 92 21.51 29.58 12.02
CA ILE A 92 21.16 28.56 12.99
C ILE A 92 22.37 28.26 13.85
N GLY A 93 22.15 28.17 15.16
CA GLY A 93 23.22 27.91 16.10
C GLY A 93 23.91 29.17 16.57
N VAL A 94 24.74 29.00 17.60
CA VAL A 94 25.52 30.10 18.15
C VAL A 94 27.00 29.68 18.20
N GLY A 95 27.86 30.69 18.23
CA GLY A 95 29.27 30.43 18.38
C GLY A 95 29.94 30.03 17.07
N GLU A 96 31.03 29.28 17.20
CA GLU A 96 31.88 28.94 16.07
C GLU A 96 31.29 27.88 15.17
N LYS A 97 30.22 27.20 15.60
CA LYS A 97 29.63 26.12 14.83
C LYS A 97 28.36 26.54 14.08
N LYS A 98 27.94 27.80 14.21
CA LYS A 98 26.71 28.21 13.56
C LYS A 98 26.80 28.07 12.04
N ILE A 99 25.66 27.79 11.42
CA ILE A 99 25.57 27.62 9.97
C ILE A 99 24.66 28.70 9.41
N THR A 100 24.93 29.09 8.16
CA THR A 100 24.18 30.15 7.51
C THR A 100 23.75 29.72 6.12
N HIS A 101 22.65 30.33 5.65
CA HIS A 101 22.20 30.19 4.28
C HIS A 101 21.67 31.53 3.81
N HIS A 102 22.15 31.97 2.65
CA HIS A 102 21.67 33.21 2.06
C HIS A 102 20.19 33.10 1.71
N TRP A 103 19.49 34.22 1.81
CA TRP A 103 18.09 34.26 1.44
C TRP A 103 17.80 35.60 0.78
N HIS A 104 16.88 35.60 -0.19
CA HIS A 104 16.41 36.83 -0.81
C HIS A 104 14.89 36.81 -0.87
N ARG A 105 14.28 37.91 -0.43
CA ARG A 105 12.84 38.08 -0.44
C ARG A 105 12.49 39.33 -1.23
N SER A 106 11.58 39.19 -2.20
CA SER A 106 11.21 40.29 -3.07
C SER A 106 10.00 41.04 -2.52
N GLY A 107 9.95 42.33 -2.86
CA GLY A 107 8.87 43.20 -2.40
C GLY A 107 9.31 44.13 -1.28
N SER A 108 10.48 44.74 -1.45
CA SER A 108 11.07 45.57 -0.41
C SER A 108 10.23 46.80 -0.10
N ASP B 1 -13.54 19.65 -3.36
CA ASP B 1 -12.24 19.04 -3.17
C ASP B 1 -11.51 18.92 -4.50
N ILE B 2 -10.19 18.72 -4.43
CA ILE B 2 -9.36 18.57 -5.62
C ILE B 2 -9.30 17.09 -5.98
N VAL B 3 -9.56 16.78 -7.24
CA VAL B 3 -9.53 15.41 -7.75
C VAL B 3 -8.25 15.21 -8.53
N MET B 4 -7.53 14.14 -8.21
CA MET B 4 -6.29 13.77 -8.88
C MET B 4 -6.55 12.56 -9.77
N THR B 5 -6.20 12.66 -11.05
CA THR B 5 -6.49 11.61 -12.03
C THR B 5 -5.20 11.10 -12.64
N GLN B 6 -4.93 9.81 -12.47
CA GLN B 6 -3.77 9.16 -13.05
C GLN B 6 -4.23 8.19 -14.13
N SER B 7 -3.64 8.29 -15.30
CA SER B 7 -3.97 7.39 -16.40
C SER B 7 -2.75 7.10 -17.26
N PRO B 8 -2.55 5.83 -17.64
CA PRO B 8 -3.42 4.72 -17.28
C PRO B 8 -3.15 4.18 -15.87
N SER B 9 -4.02 3.29 -15.40
CA SER B 9 -3.84 2.70 -14.09
C SER B 9 -2.73 1.66 -14.07
N SER B 10 -2.39 1.07 -15.22
CA SER B 10 -1.34 0.08 -15.30
CA SER B 10 -1.34 0.07 -15.31
C SER B 10 -0.49 0.33 -16.53
N LEU B 11 0.78 -0.03 -16.44
CA LEU B 11 1.71 0.15 -17.55
CA LEU B 11 1.72 0.16 -17.54
C LEU B 11 2.73 -0.98 -17.54
N SER B 12 2.87 -1.64 -18.69
CA SER B 12 3.83 -2.72 -18.85
C SER B 12 5.14 -2.15 -19.38
N VAL B 13 6.24 -2.49 -18.71
CA VAL B 13 7.53 -1.89 -19.00
C VAL B 13 8.59 -2.98 -19.15
N SER B 14 9.70 -2.61 -19.78
CA SER B 14 10.87 -3.46 -19.86
C SER B 14 12.06 -2.71 -19.29
N ALA B 15 12.96 -3.46 -18.66
CA ALA B 15 14.14 -2.86 -18.04
C ALA B 15 14.93 -2.04 -19.06
N GLY B 16 15.16 -0.77 -18.75
CA GLY B 16 15.86 0.12 -19.63
C GLY B 16 14.98 1.10 -20.38
N GLU B 17 13.66 0.91 -20.36
CA GLU B 17 12.77 1.78 -21.11
C GLU B 17 12.56 3.10 -20.39
N LYS B 18 12.20 4.12 -21.16
CA LYS B 18 11.72 5.38 -20.64
C LYS B 18 10.22 5.26 -20.40
N VAL B 19 9.79 5.67 -19.21
N VAL B 19 9.77 5.62 -19.20
CA VAL B 19 8.40 5.53 -18.77
CA VAL B 19 8.35 5.52 -18.86
C VAL B 19 7.92 6.90 -18.30
C VAL B 19 7.90 6.85 -18.29
N THR B 20 6.73 7.31 -18.75
CA THR B 20 6.16 8.60 -18.36
C THR B 20 4.78 8.36 -17.77
N LEU B 21 4.63 8.71 -16.50
CA LEU B 21 3.35 8.60 -15.79
C LEU B 21 2.66 9.95 -15.77
N SER B 22 1.34 9.95 -15.97
CA SER B 22 0.54 11.16 -16.06
C SER B 22 -0.28 11.37 -14.79
N CYS B 23 -0.45 12.64 -14.43
CA CYS B 23 -1.26 13.04 -13.28
C CYS B 23 -1.89 14.41 -13.58
N LYS B 24 -3.22 14.47 -13.48
CA LYS B 24 -3.97 15.70 -13.71
C LYS B 24 -4.80 16.03 -12.48
N SER B 25 -4.86 17.32 -12.15
CA SER B 25 -5.65 17.81 -11.03
C SER B 25 -6.85 18.59 -11.56
N SER B 26 -7.93 18.58 -10.78
CA SER B 26 -9.14 19.28 -11.18
C SER B 26 -8.98 20.80 -11.11
N GLN B 27 -8.05 21.30 -10.29
CA GLN B 27 -7.75 22.72 -10.27
C GLN B 27 -6.25 22.90 -10.05
N SER B 28 -5.78 24.12 -10.32
CA SER B 28 -4.34 24.38 -10.31
C SER B 28 -3.74 24.17 -8.93
N LEU B 29 -2.58 23.52 -8.89
CA LEU B 29 -1.82 23.32 -7.66
C LEU B 29 -0.75 24.37 -7.46
N LEU B 30 -0.78 25.46 -8.24
CA LEU B 30 0.23 26.50 -8.17
C LEU B 30 -0.17 27.55 -7.14
N HIS B 31 0.76 27.87 -6.24
CA HIS B 31 0.62 28.99 -5.31
C HIS B 31 1.45 30.16 -5.84
N SER B 32 0.80 31.27 -6.14
CA SER B 32 1.47 32.37 -6.83
C SER B 32 2.49 33.08 -5.94
N GLY B 33 2.35 33.00 -4.61
CA GLY B 33 3.28 33.70 -3.74
C GLY B 33 4.71 33.23 -3.91
N ASN B 34 4.93 31.91 -3.95
CA ASN B 34 6.25 31.37 -4.20
C ASN B 34 6.39 30.73 -5.58
N GLN B 35 5.34 30.77 -6.40
CA GLN B 35 5.35 30.21 -7.75
CA GLN B 35 5.37 30.22 -7.75
C GLN B 35 5.76 28.74 -7.74
N LYS B 36 5.34 28.02 -6.70
CA LYS B 36 5.61 26.60 -6.58
C LYS B 36 4.32 25.80 -6.76
N ASN B 37 4.42 24.69 -7.48
CA ASN B 37 3.32 23.74 -7.61
C ASN B 37 3.38 22.74 -6.46
N TYR B 38 2.30 22.66 -5.69
CA TYR B 38 2.25 21.82 -4.49
C TYR B 38 1.77 20.43 -4.90
N LEU B 39 2.68 19.66 -5.49
CA LEU B 39 2.38 18.35 -6.04
C LEU B 39 3.48 17.39 -5.63
N ALA B 40 3.11 16.25 -5.08
CA ALA B 40 4.07 15.25 -4.61
C ALA B 40 3.84 13.90 -5.29
N TRP B 41 4.93 13.15 -5.47
CA TRP B 41 4.89 11.79 -6.02
C TRP B 41 5.38 10.80 -4.98
N TYR B 42 4.70 9.66 -4.87
CA TYR B 42 5.06 8.60 -3.95
C TYR B 42 5.19 7.27 -4.69
N GLN B 43 6.04 6.40 -4.15
CA GLN B 43 6.26 5.05 -4.64
C GLN B 43 5.86 4.06 -3.55
N GLN B 44 5.05 3.05 -3.91
CA GLN B 44 4.65 2.04 -2.95
C GLN B 44 4.85 0.64 -3.52
N LYS B 45 5.62 -0.18 -2.81
CA LYS B 45 5.75 -1.59 -3.12
C LYS B 45 4.86 -2.41 -2.18
N PRO B 46 4.50 -3.64 -2.56
CA PRO B 46 3.56 -4.41 -1.73
C PRO B 46 4.08 -4.64 -0.31
N GLY B 47 3.16 -4.55 0.65
CA GLY B 47 3.51 -4.71 2.04
C GLY B 47 4.26 -3.55 2.66
N GLN B 48 4.52 -2.48 1.90
CA GLN B 48 5.26 -1.34 2.42
C GLN B 48 4.38 -0.09 2.40
N ALA B 49 4.76 0.85 3.24
CA ALA B 49 4.17 2.18 3.19
C ALA B 49 4.66 2.92 1.94
N PRO B 50 3.88 3.89 1.47
CA PRO B 50 4.38 4.76 0.40
C PRO B 50 5.67 5.45 0.82
N LYS B 51 6.49 5.78 -0.18
CA LYS B 51 7.74 6.50 0.03
CA LYS B 51 7.75 6.49 0.03
C LYS B 51 7.71 7.76 -0.81
N LEU B 52 8.14 8.88 -0.21
CA LEU B 52 8.17 10.15 -0.93
C LEU B 52 9.31 10.16 -1.95
N LEU B 53 8.99 10.50 -3.19
CA LEU B 53 9.98 10.64 -4.25
C LEU B 53 10.24 12.08 -4.65
N ILE B 54 9.17 12.85 -4.88
CA ILE B 54 9.23 14.19 -5.44
C ILE B 54 8.28 15.08 -4.66
N TYR B 55 8.75 16.28 -4.28
CA TYR B 55 7.88 17.26 -3.66
C TYR B 55 7.99 18.57 -4.45
N GLY B 56 6.97 19.41 -4.30
CA GLY B 56 6.96 20.66 -5.07
C GLY B 56 7.04 20.45 -6.56
N ALA B 57 6.41 19.38 -7.05
CA ALA B 57 6.32 19.00 -8.46
C ALA B 57 7.62 18.48 -9.05
N SER B 58 8.77 19.02 -8.67
CA SER B 58 10.01 18.67 -9.37
C SER B 58 11.23 18.44 -8.47
N THR B 59 11.13 18.62 -7.16
CA THR B 59 12.31 18.51 -6.30
C THR B 59 12.40 17.10 -5.74
N ARG B 60 13.51 16.41 -6.02
CA ARG B 60 13.71 15.06 -5.50
C ARG B 60 14.00 15.09 -4.02
N GLU B 61 13.30 14.23 -3.27
CA GLU B 61 13.64 13.96 -1.89
C GLU B 61 15.03 13.34 -1.82
N SER B 62 15.78 13.71 -0.78
CA SER B 62 17.14 13.23 -0.59
C SER B 62 17.21 11.72 -0.71
N GLY B 63 18.17 11.23 -1.51
CA GLY B 63 18.37 9.81 -1.70
C GLY B 63 17.61 9.20 -2.86
N VAL B 64 16.62 9.90 -3.41
CA VAL B 64 15.88 9.37 -4.54
C VAL B 64 16.77 9.37 -5.77
N PRO B 65 16.86 8.27 -6.51
CA PRO B 65 17.75 8.22 -7.68
C PRO B 65 17.43 9.28 -8.72
N ASP B 66 18.47 9.69 -9.44
CA ASP B 66 18.36 10.79 -10.39
C ASP B 66 17.52 10.43 -11.61
N ARG B 67 17.25 9.15 -11.85
CA ARG B 67 16.45 8.78 -13.01
C ARG B 67 14.98 9.13 -12.86
N PHE B 68 14.54 9.55 -11.68
CA PHE B 68 13.18 10.03 -11.46
C PHE B 68 13.14 11.53 -11.67
N THR B 69 12.31 11.97 -12.62
CA THR B 69 12.14 13.39 -12.91
C THR B 69 10.67 13.75 -12.79
N GLY B 70 10.37 14.75 -11.98
CA GLY B 70 9.03 15.32 -11.92
C GLY B 70 8.99 16.63 -12.69
N SER B 71 7.94 16.80 -13.48
CA SER B 71 7.77 18.03 -14.26
C SER B 71 6.29 18.36 -14.33
N GLY B 72 5.98 19.49 -14.95
CA GLY B 72 4.62 19.95 -15.11
C GLY B 72 4.33 21.15 -14.23
N SER B 73 3.16 21.74 -14.49
CA SER B 73 2.71 22.91 -13.74
CA SER B 73 2.71 22.91 -13.74
C SER B 73 1.20 23.04 -13.88
N GLY B 74 0.60 23.72 -12.92
CA GLY B 74 -0.83 23.98 -12.92
C GLY B 74 -1.68 22.77 -12.65
N THR B 75 -2.18 22.16 -13.72
CA THR B 75 -3.06 21.00 -13.60
C THR B 75 -2.52 19.75 -14.28
N ASP B 76 -1.38 19.83 -14.98
CA ASP B 76 -0.84 18.69 -15.71
C ASP B 76 0.59 18.42 -15.26
N PHE B 77 0.83 17.20 -14.77
CA PHE B 77 2.12 16.82 -14.22
C PHE B 77 2.51 15.45 -14.73
N THR B 78 3.82 15.19 -14.77
CA THR B 78 4.33 13.89 -15.21
C THR B 78 5.47 13.47 -14.30
N LEU B 79 5.59 12.16 -14.10
CA LEU B 79 6.75 11.54 -13.49
C LEU B 79 7.43 10.69 -14.54
N THR B 80 8.70 10.99 -14.81
CA THR B 80 9.47 10.29 -15.83
C THR B 80 10.56 9.46 -15.15
N ILE B 81 10.67 8.20 -15.55
CA ILE B 81 11.80 7.35 -15.21
C ILE B 81 12.60 7.14 -16.49
N SER B 82 13.81 7.71 -16.55
CA SER B 82 14.57 7.72 -17.79
C SER B 82 14.94 6.30 -18.23
N SER B 83 15.38 5.47 -17.30
CA SER B 83 15.76 4.09 -17.59
C SER B 83 15.26 3.22 -16.44
N VAL B 84 14.09 2.61 -16.63
CA VAL B 84 13.45 1.90 -15.53
C VAL B 84 14.27 0.66 -15.17
N GLN B 85 14.36 0.39 -13.87
CA GLN B 85 15.05 -0.76 -13.34
C GLN B 85 14.06 -1.65 -12.61
N ALA B 86 14.48 -2.88 -12.33
CA ALA B 86 13.62 -3.86 -11.68
C ALA B 86 13.12 -3.36 -10.33
N GLU B 87 13.94 -2.63 -9.58
CA GLU B 87 13.47 -2.14 -8.28
C GLU B 87 12.43 -1.04 -8.41
N ASP B 88 12.22 -0.51 -9.62
CA ASP B 88 11.22 0.54 -9.83
C ASP B 88 9.81 -0.02 -10.01
N LEU B 89 9.67 -1.34 -10.17
CA LEU B 89 8.36 -1.97 -10.28
C LEU B 89 7.57 -1.74 -8.99
N ALA B 90 6.48 -0.98 -9.08
CA ALA B 90 5.75 -0.54 -7.90
C ALA B 90 4.52 0.23 -8.38
N VAL B 91 3.75 0.74 -7.42
CA VAL B 91 2.63 1.63 -7.72
C VAL B 91 3.07 3.05 -7.40
N TYR B 92 2.74 3.98 -8.29
CA TYR B 92 3.13 5.38 -8.13
C TYR B 92 1.88 6.23 -7.95
N TYR B 93 1.89 7.08 -6.92
CA TYR B 93 0.78 7.98 -6.61
C TYR B 93 1.24 9.42 -6.70
N CYS B 94 0.40 10.27 -7.27
CA CYS B 94 0.56 11.69 -7.12
C CYS B 94 -0.42 12.20 -6.06
N GLN B 95 -0.12 13.38 -5.51
CA GLN B 95 -0.87 13.90 -4.37
C GLN B 95 -1.04 15.40 -4.48
N ASN B 96 -2.29 15.86 -4.31
CA ASN B 96 -2.56 17.27 -4.10
C ASN B 96 -2.03 17.69 -2.74
N ASP B 97 -0.98 18.50 -2.73
CA ASP B 97 -0.41 19.08 -1.52
C ASP B 97 -0.75 20.56 -1.38
N HIS B 98 -1.67 21.06 -2.21
CA HIS B 98 -1.96 22.48 -2.37
C HIS B 98 -2.91 23.01 -1.31
N SER B 99 -3.96 22.26 -1.00
CA SER B 99 -4.94 22.72 -0.04
C SER B 99 -5.72 21.52 0.47
N TYR B 100 -6.41 21.73 1.60
CA TYR B 100 -7.14 20.65 2.26
C TYR B 100 -8.52 20.47 1.64
N PRO B 101 -9.05 19.24 1.62
CA PRO B 101 -8.37 18.03 2.10
C PRO B 101 -7.26 17.58 1.16
N LEU B 102 -6.18 17.03 1.71
CA LEU B 102 -5.18 16.41 0.86
C LEU B 102 -5.81 15.25 0.12
N THR B 103 -5.49 15.13 -1.18
CA THR B 103 -6.06 14.09 -2.01
C THR B 103 -4.99 13.47 -2.89
N PHE B 104 -5.23 12.21 -3.25
CA PHE B 104 -4.30 11.37 -4.00
C PHE B 104 -4.95 10.82 -5.25
N GLY B 105 -4.13 10.59 -6.27
CA GLY B 105 -4.58 9.82 -7.41
C GLY B 105 -4.77 8.35 -7.06
N ALA B 106 -5.40 7.63 -7.99
CA ALA B 106 -5.66 6.21 -7.82
C ALA B 106 -4.44 5.35 -8.09
N GLY B 107 -3.39 5.92 -8.66
CA GLY B 107 -2.12 5.20 -8.82
C GLY B 107 -1.94 4.64 -10.21
N THR B 108 -0.68 4.48 -10.60
CA THR B 108 -0.29 3.76 -11.81
C THR B 108 0.66 2.65 -11.37
N LYS B 109 0.30 1.42 -11.71
CA LYS B 109 1.12 0.26 -11.37
C LYS B 109 2.02 -0.10 -12.54
N LEU B 110 3.32 -0.24 -12.27
CA LEU B 110 4.25 -0.74 -13.27
C LEU B 110 4.40 -2.25 -13.12
N GLU B 111 4.20 -2.96 -14.22
CA GLU B 111 4.40 -4.39 -14.29
C GLU B 111 5.37 -4.71 -15.42
N LEU B 112 5.88 -5.93 -15.41
CA LEU B 112 6.98 -6.30 -16.30
C LEU B 112 6.42 -6.89 -17.59
N LYS B 113 6.95 -6.42 -18.72
CA LYS B 113 6.55 -6.96 -20.01
C LYS B 113 7.26 -8.28 -20.27
N ARG B 114 6.52 -9.23 -20.86
CA ARG B 114 7.09 -10.48 -21.33
C ARG B 114 6.26 -10.96 -22.53
N ALA B 115 6.67 -12.09 -23.08
CA ALA B 115 6.01 -12.63 -24.27
C ALA B 115 4.62 -13.14 -23.91
N ASP B 116 3.65 -12.89 -24.81
CA ASP B 116 2.31 -13.40 -24.59
C ASP B 116 2.36 -14.92 -24.39
N ALA B 117 1.53 -15.41 -23.47
CA ALA B 117 1.53 -16.83 -23.09
C ALA B 117 0.10 -17.29 -22.89
N ALA B 118 -0.25 -18.41 -23.51
CA ALA B 118 -1.58 -18.99 -23.38
C ALA B 118 -1.75 -19.64 -22.01
N PRO B 119 -2.94 -19.54 -21.41
CA PRO B 119 -3.19 -20.22 -20.14
C PRO B 119 -3.33 -21.72 -20.33
N THR B 120 -2.87 -22.46 -19.33
CA THR B 120 -3.17 -23.88 -19.21
C THR B 120 -4.34 -24.02 -18.22
N VAL B 121 -5.40 -24.70 -18.66
CA VAL B 121 -6.66 -24.73 -17.92
C VAL B 121 -6.90 -26.12 -17.37
N SER B 122 -7.34 -26.20 -16.12
CA SER B 122 -7.68 -27.44 -15.46
CA SER B 122 -7.69 -27.45 -15.48
C SER B 122 -8.97 -27.25 -14.66
N ILE B 123 -9.84 -28.24 -14.69
CA ILE B 123 -11.14 -28.18 -14.03
C ILE B 123 -11.24 -29.27 -12.97
N PHE B 124 -11.88 -28.95 -11.85
CA PHE B 124 -11.94 -29.84 -10.70
C PHE B 124 -13.36 -29.93 -10.17
N PRO B 125 -14.00 -31.09 -10.24
CA PRO B 125 -15.33 -31.25 -9.65
C PRO B 125 -15.26 -31.14 -8.14
N PRO B 126 -16.41 -30.95 -7.47
CA PRO B 126 -16.42 -30.95 -6.01
C PRO B 126 -15.85 -32.25 -5.45
N SER B 127 -15.06 -32.12 -4.39
CA SER B 127 -14.56 -33.31 -3.71
C SER B 127 -15.72 -34.05 -3.06
N SER B 128 -15.55 -35.37 -2.92
CA SER B 128 -16.57 -36.18 -2.27
C SER B 128 -16.77 -35.75 -0.82
N GLU B 129 -15.70 -35.28 -0.17
CA GLU B 129 -15.84 -34.80 1.20
C GLU B 129 -16.73 -33.57 1.27
N GLN B 130 -16.57 -32.62 0.34
CA GLN B 130 -17.43 -31.45 0.33
C GLN B 130 -18.87 -31.81 0.00
N LEU B 131 -19.06 -32.78 -0.90
CA LEU B 131 -20.40 -33.22 -1.23
C LEU B 131 -21.09 -33.86 -0.03
N THR B 132 -20.33 -34.55 0.84
CA THR B 132 -20.91 -35.09 2.06
C THR B 132 -21.40 -33.97 2.97
N SER B 133 -20.67 -32.85 3.00
CA SER B 133 -21.02 -31.75 3.90
C SER B 133 -22.25 -30.97 3.44
N GLY B 134 -22.60 -31.05 2.16
CA GLY B 134 -23.76 -30.34 1.64
C GLY B 134 -23.44 -29.20 0.70
N GLY B 135 -22.17 -28.95 0.40
CA GLY B 135 -21.77 -27.92 -0.53
C GLY B 135 -21.14 -28.51 -1.79
N ALA B 136 -20.96 -27.63 -2.77
CA ALA B 136 -20.39 -28.05 -4.06
C ALA B 136 -19.67 -26.87 -4.68
N SER B 137 -18.35 -26.96 -4.76
CA SER B 137 -17.52 -25.95 -5.42
C SER B 137 -16.85 -26.58 -6.64
N VAL B 138 -17.01 -25.93 -7.79
CA VAL B 138 -16.31 -26.33 -9.01
C VAL B 138 -15.22 -25.30 -9.27
N VAL B 139 -13.98 -25.76 -9.40
CA VAL B 139 -12.81 -24.90 -9.45
C VAL B 139 -12.12 -25.07 -10.80
N CYS B 140 -11.72 -23.95 -11.38
CA CYS B 140 -10.99 -23.92 -12.65
CA CYS B 140 -10.96 -23.94 -12.63
C CYS B 140 -9.72 -23.10 -12.45
N PHE B 141 -8.56 -23.70 -12.71
CA PHE B 141 -7.28 -23.02 -12.63
C PHE B 141 -6.84 -22.63 -14.03
N LEU B 142 -6.38 -21.40 -14.17
CA LEU B 142 -5.87 -20.87 -15.44
C LEU B 142 -4.45 -20.41 -15.16
N ASN B 143 -3.45 -21.19 -15.55
CA ASN B 143 -2.10 -20.99 -15.03
C ASN B 143 -1.12 -20.48 -16.09
N ASN B 144 -0.29 -19.53 -15.68
CA ASN B 144 0.93 -19.15 -16.39
C ASN B 144 0.65 -18.51 -17.75
N PHE B 145 -0.19 -17.48 -17.73
CA PHE B 145 -0.57 -16.75 -18.94
C PHE B 145 -0.10 -15.31 -18.89
N TYR B 146 -0.02 -14.69 -20.08
CA TYR B 146 0.32 -13.30 -20.20
C TYR B 146 -0.29 -12.77 -21.49
N PRO B 147 -0.89 -11.56 -21.45
CA PRO B 147 -1.02 -10.61 -20.33
C PRO B 147 -2.13 -10.97 -19.32
N LYS B 148 -2.25 -10.16 -18.26
CA LYS B 148 -3.15 -10.49 -17.15
C LYS B 148 -4.62 -10.50 -17.58
N ASP B 149 -4.96 -9.72 -18.60
CA ASP B 149 -6.35 -9.63 -19.03
CA ASP B 149 -6.35 -9.63 -19.03
C ASP B 149 -6.85 -10.97 -19.52
N ILE B 150 -7.95 -11.45 -18.93
CA ILE B 150 -8.52 -12.74 -19.27
C ILE B 150 -9.96 -12.73 -18.77
N ASN B 151 -10.82 -13.53 -19.40
CA ASN B 151 -12.20 -13.64 -18.96
C ASN B 151 -12.61 -15.10 -18.94
N VAL B 152 -13.41 -15.47 -17.94
CA VAL B 152 -13.86 -16.84 -17.74
C VAL B 152 -15.38 -16.84 -17.62
N LYS B 153 -16.02 -17.74 -18.34
CA LYS B 153 -17.45 -17.94 -18.21
C LYS B 153 -17.72 -19.41 -17.94
N TRP B 154 -18.75 -19.67 -17.13
CA TRP B 154 -19.13 -21.02 -16.76
C TRP B 154 -20.41 -21.42 -17.48
N LYS B 155 -20.47 -22.67 -17.93
CA LYS B 155 -21.65 -23.21 -18.59
C LYS B 155 -22.09 -24.48 -17.87
N ILE B 156 -23.39 -24.59 -17.62
CA ILE B 156 -23.96 -25.74 -16.92
C ILE B 156 -24.94 -26.44 -17.86
N ASP B 157 -24.68 -27.72 -18.13
CA ASP B 157 -25.49 -28.53 -19.05
C ASP B 157 -25.57 -27.87 -20.42
N GLY B 158 -24.47 -27.24 -20.83
CA GLY B 158 -24.41 -26.52 -22.09
C GLY B 158 -24.95 -25.11 -22.04
N SER B 159 -25.64 -24.73 -20.97
CA SER B 159 -26.19 -23.39 -20.81
C SER B 159 -25.36 -22.60 -19.80
N GLU B 160 -25.16 -21.32 -20.09
CA GLU B 160 -24.27 -20.50 -19.28
C GLU B 160 -24.90 -20.19 -17.92
N ARG B 161 -24.07 -20.32 -16.87
CA ARG B 161 -24.41 -19.83 -15.54
C ARG B 161 -23.43 -18.74 -15.14
N GLN B 162 -23.95 -17.68 -14.53
CA GLN B 162 -23.12 -16.53 -14.18
C GLN B 162 -23.11 -16.19 -12.70
N ASN B 163 -24.12 -16.60 -11.93
CA ASN B 163 -24.13 -16.29 -10.51
C ASN B 163 -23.27 -17.27 -9.73
N GLY B 164 -22.64 -16.76 -8.67
CA GLY B 164 -21.82 -17.60 -7.82
C GLY B 164 -20.42 -17.88 -8.33
N VAL B 165 -19.81 -16.93 -9.03
CA VAL B 165 -18.48 -17.09 -9.60
C VAL B 165 -17.55 -16.09 -8.94
N LEU B 166 -16.48 -16.59 -8.33
CA LEU B 166 -15.47 -15.77 -7.67
C LEU B 166 -14.11 -16.04 -8.31
N ASN B 167 -13.41 -14.97 -8.66
CA ASN B 167 -12.14 -15.08 -9.37
C ASN B 167 -11.02 -14.43 -8.56
N SER B 168 -9.85 -15.05 -8.56
CA SER B 168 -8.72 -14.55 -7.77
C SER B 168 -7.45 -14.67 -8.60
N TRP B 169 -6.70 -13.57 -8.71
CA TRP B 169 -5.47 -13.53 -9.49
C TRP B 169 -4.25 -13.57 -8.59
N THR B 170 -3.22 -14.30 -9.00
CA THR B 170 -1.94 -14.13 -8.34
C THR B 170 -1.28 -12.84 -8.83
N ASP B 171 -0.35 -12.33 -8.02
CA ASP B 171 0.49 -11.26 -8.50
C ASP B 171 1.42 -11.80 -9.59
N GLN B 172 1.98 -10.87 -10.37
CA GLN B 172 2.89 -11.27 -11.44
C GLN B 172 4.01 -12.13 -10.86
N ASP B 173 4.25 -13.28 -11.48
CA ASP B 173 5.21 -14.23 -10.92
C ASP B 173 6.61 -13.63 -10.92
N SER B 174 7.32 -13.77 -9.79
CA SER B 174 8.62 -13.15 -9.65
C SER B 174 9.68 -13.76 -10.54
N LYS B 175 9.43 -14.94 -11.10
CA LYS B 175 10.42 -15.68 -11.88
C LYS B 175 10.15 -15.64 -13.38
N ASP B 176 8.94 -15.99 -13.81
CA ASP B 176 8.63 -16.01 -15.24
C ASP B 176 7.69 -14.89 -15.67
N SER B 177 7.29 -14.00 -14.76
CA SER B 177 6.48 -12.83 -15.07
C SER B 177 5.09 -13.16 -15.62
N THR B 178 4.63 -14.40 -15.45
CA THR B 178 3.27 -14.72 -15.88
C THR B 178 2.28 -14.43 -14.78
N TYR B 179 1.00 -14.58 -15.11
CA TYR B 179 -0.10 -14.50 -14.17
C TYR B 179 -0.82 -15.85 -14.13
N SER B 180 -1.51 -16.09 -13.03
CA SER B 180 -2.39 -17.25 -12.90
C SER B 180 -3.66 -16.80 -12.18
N MET B 181 -4.71 -17.58 -12.33
CA MET B 181 -6.00 -17.18 -11.79
C MET B 181 -6.81 -18.42 -11.44
N SER B 182 -7.57 -18.34 -10.35
CA SER B 182 -8.53 -19.38 -10.00
C SER B 182 -9.94 -18.84 -10.17
N SER B 183 -10.81 -19.63 -10.79
CA SER B 183 -12.22 -19.31 -10.91
C SER B 183 -13.02 -20.41 -10.23
N THR B 184 -13.84 -20.04 -9.25
CA THR B 184 -14.56 -21.00 -8.43
C THR B 184 -16.06 -20.74 -8.57
N LEU B 185 -16.80 -21.77 -8.96
CA LEU B 185 -18.25 -21.74 -8.99
C LEU B 185 -18.77 -22.42 -7.74
N THR B 186 -19.51 -21.68 -6.91
CA THR B 186 -20.01 -22.19 -5.65
C THR B 186 -21.50 -22.51 -5.81
N LEU B 187 -21.86 -23.76 -5.53
CA LEU B 187 -23.23 -24.23 -5.61
C LEU B 187 -23.59 -24.95 -4.33
N THR B 188 -24.86 -25.32 -4.20
CA THR B 188 -25.30 -26.23 -3.16
C THR B 188 -25.19 -27.66 -3.66
N LYS B 189 -25.21 -28.61 -2.72
CA LYS B 189 -25.17 -30.01 -3.11
C LYS B 189 -26.41 -30.40 -3.92
N ASP B 190 -27.54 -29.76 -3.67
CA ASP B 190 -28.77 -30.13 -4.36
C ASP B 190 -28.82 -29.58 -5.77
N GLU B 191 -28.53 -28.29 -5.95
CA GLU B 191 -28.55 -27.71 -7.29
C GLU B 191 -27.35 -28.14 -8.13
N TYR B 192 -26.31 -28.71 -7.52
CA TYR B 192 -25.24 -29.31 -8.29
C TYR B 192 -25.62 -30.70 -8.78
N GLU B 193 -26.37 -31.45 -7.97
CA GLU B 193 -26.80 -32.79 -8.34
C GLU B 193 -28.02 -32.79 -9.25
N ARG B 194 -28.56 -31.62 -9.59
CA ARG B 194 -29.60 -31.55 -10.61
C ARG B 194 -29.00 -31.68 -12.01
N HIS B 195 -27.96 -30.91 -12.29
CA HIS B 195 -27.39 -30.82 -13.62
C HIS B 195 -26.25 -31.81 -13.80
N ASN B 196 -25.65 -31.80 -14.98
CA ASN B 196 -24.69 -32.84 -15.34
C ASN B 196 -23.41 -32.31 -15.97
N SER B 197 -23.49 -31.33 -16.86
CA SER B 197 -22.32 -30.81 -17.57
C SER B 197 -21.86 -29.50 -16.94
N TYR B 198 -20.55 -29.39 -16.73
CA TYR B 198 -19.94 -28.19 -16.16
C TYR B 198 -18.73 -27.83 -17.00
N THR B 199 -18.65 -26.56 -17.41
CA THR B 199 -17.62 -26.11 -18.35
C THR B 199 -17.12 -24.73 -17.95
N CYS B 200 -15.80 -24.57 -17.87
CA CYS B 200 -15.20 -23.24 -17.76
C CYS B 200 -14.51 -22.93 -19.08
N GLU B 201 -14.78 -21.73 -19.60
CA GLU B 201 -14.28 -21.31 -20.90
C GLU B 201 -13.45 -20.05 -20.73
N ALA B 202 -12.17 -20.13 -21.11
CA ALA B 202 -11.25 -19.01 -20.99
C ALA B 202 -11.14 -18.29 -22.33
N THR B 203 -11.31 -16.97 -22.30
CA THR B 203 -11.06 -16.11 -23.46
C THR B 203 -9.80 -15.31 -23.17
N HIS B 204 -8.82 -15.41 -24.06
CA HIS B 204 -7.54 -14.76 -23.88
C HIS B 204 -7.03 -14.36 -25.25
N LYS B 205 -6.22 -13.30 -25.30
CA LYS B 205 -5.79 -12.79 -26.60
C LYS B 205 -4.92 -13.78 -27.36
N THR B 206 -4.38 -14.80 -26.68
CA THR B 206 -3.48 -15.74 -27.35
C THR B 206 -4.21 -16.83 -28.14
N SER B 207 -5.54 -16.91 -28.05
CA SER B 207 -6.31 -17.93 -28.74
C SER B 207 -7.50 -17.30 -29.44
N THR B 208 -7.74 -17.66 -30.71
CA THR B 208 -8.92 -17.16 -31.40
C THR B 208 -10.19 -17.80 -30.87
N SER B 209 -10.08 -18.96 -30.26
CA SER B 209 -11.20 -19.70 -29.71
C SER B 209 -11.11 -19.75 -28.19
N PRO B 210 -12.22 -19.99 -27.51
CA PRO B 210 -12.15 -20.16 -26.05
C PRO B 210 -11.34 -21.42 -25.71
N ILE B 211 -10.54 -21.29 -24.66
CA ILE B 211 -9.78 -22.42 -24.11
C ILE B 211 -10.64 -23.07 -23.04
N VAL B 212 -11.05 -24.32 -23.27
CA VAL B 212 -12.19 -24.94 -22.60
C VAL B 212 -11.73 -26.16 -21.81
N LYS B 213 -12.25 -26.32 -20.60
CA LYS B 213 -12.22 -27.60 -19.91
C LYS B 213 -13.62 -27.88 -19.39
N SER B 214 -14.02 -29.16 -19.44
CA SER B 214 -15.39 -29.53 -19.11
CA SER B 214 -15.38 -29.52 -19.09
C SER B 214 -15.40 -30.95 -18.56
N PHE B 215 -16.47 -31.26 -17.83
CA PHE B 215 -16.65 -32.62 -17.31
C PHE B 215 -18.14 -32.87 -17.11
N ASN B 216 -18.53 -34.13 -17.24
CA ASN B 216 -19.83 -34.62 -16.81
C ASN B 216 -19.65 -35.49 -15.57
N ARG B 217 -20.66 -35.46 -14.70
CA ARG B 217 -20.60 -36.27 -13.49
C ARG B 217 -20.74 -37.77 -13.77
N ASN B 218 -21.32 -38.12 -14.91
CA ASN B 218 -21.67 -39.52 -15.18
C ASN B 218 -20.45 -40.42 -15.14
N GLU B 219 -19.33 -39.96 -15.71
CA GLU B 219 -18.21 -40.83 -16.04
C GLU B 219 -17.13 -40.78 -14.98
N CYS B 220 -16.31 -41.83 -14.97
CA CYS B 220 -15.22 -41.99 -14.01
C CYS B 220 -14.38 -43.21 -14.37
N VAL C 2 14.57 9.40 11.27
CA VAL C 2 13.15 9.59 11.50
C VAL C 2 12.40 8.26 11.34
N GLN C 3 11.67 7.87 12.38
CA GLN C 3 10.90 6.63 12.37
C GLN C 3 9.54 6.88 13.01
N LEU C 4 8.51 6.26 12.43
CA LEU C 4 7.16 6.28 13.00
C LEU C 4 6.73 4.83 13.17
N GLN C 5 6.46 4.43 14.41
CA GLN C 5 6.13 3.06 14.73
C GLN C 5 4.65 2.96 15.12
N GLU C 6 3.89 2.19 14.35
CA GLU C 6 2.45 2.10 14.58
C GLU C 6 2.09 0.83 15.34
N SER C 7 0.92 0.86 15.97
CA SER C 7 0.44 -0.22 16.81
C SER C 7 0.00 -1.41 15.95
N GLY C 8 -0.24 -2.55 16.62
CA GLY C 8 -0.49 -3.80 15.94
C GLY C 8 -1.89 -3.94 15.38
N ALA C 9 -2.05 -4.98 14.56
CA ALA C 9 -3.27 -5.19 13.80
C ALA C 9 -4.48 -5.38 14.71
N GLU C 10 -5.64 -4.95 14.22
CA GLU C 10 -6.87 -4.91 14.99
C GLU C 10 -7.98 -5.67 14.29
N LEU C 11 -8.81 -6.32 15.10
CA LEU C 11 -10.00 -7.03 14.63
C LEU C 11 -11.17 -6.49 15.41
N MET C 12 -12.05 -5.75 14.75
CA MET C 12 -13.13 -5.03 15.42
C MET C 12 -14.48 -5.52 14.92
N LYS C 13 -15.48 -5.39 15.79
CA LYS C 13 -16.87 -5.66 15.43
C LYS C 13 -17.53 -4.39 14.89
N PRO C 14 -18.53 -4.52 14.02
CA PRO C 14 -19.23 -3.33 13.54
C PRO C 14 -19.85 -2.56 14.70
N GLY C 15 -19.78 -1.23 14.62
CA GLY C 15 -20.26 -0.38 15.68
C GLY C 15 -19.27 -0.08 16.78
N ALA C 16 -18.13 -0.76 16.82
CA ALA C 16 -17.12 -0.55 17.85
C ALA C 16 -16.24 0.64 17.47
N SER C 17 -15.23 0.91 18.31
CA SER C 17 -14.33 2.05 18.17
C SER C 17 -12.91 1.57 18.39
N VAL C 18 -12.00 1.96 17.50
CA VAL C 18 -10.62 1.49 17.56
C VAL C 18 -9.70 2.68 17.84
N LYS C 19 -8.67 2.45 18.65
CA LYS C 19 -7.65 3.46 18.96
C LYS C 19 -6.31 3.01 18.41
N LEU C 20 -5.82 3.72 17.40
CA LEU C 20 -4.53 3.45 16.76
C LEU C 20 -3.49 4.42 17.27
N SER C 21 -2.26 3.94 17.42
CA SER C 21 -1.18 4.81 17.89
C SER C 21 -0.02 4.85 16.91
N CYS C 22 0.76 5.92 17.07
CA CYS C 22 1.90 6.22 16.20
C CYS C 22 2.95 6.87 17.07
N LYS C 23 4.04 6.15 17.35
CA LYS C 23 5.13 6.66 18.19
C LYS C 23 6.30 7.06 17.30
N THR C 24 6.81 8.27 17.49
CA THR C 24 7.84 8.80 16.61
C THR C 24 9.17 8.93 17.34
N SER C 25 10.23 8.91 16.53
CA SER C 25 11.59 9.16 17.00
C SER C 25 12.40 9.80 15.87
N GLY C 26 13.52 10.42 16.25
CA GLY C 26 14.44 10.97 15.27
C GLY C 26 14.24 12.44 14.99
N TYR C 27 13.27 13.08 15.65
CA TYR C 27 12.99 14.49 15.41
C TYR C 27 12.17 15.01 16.58
N THR C 28 12.00 16.32 16.62
CA THR C 28 11.23 16.97 17.67
C THR C 28 9.74 16.76 17.39
N PHE C 29 9.10 15.89 18.18
CA PHE C 29 7.69 15.54 18.00
C PHE C 29 6.80 16.78 17.93
N ILE C 30 7.05 17.76 18.80
CA ILE C 30 6.14 18.90 18.93
C ILE C 30 6.43 19.95 17.87
N GLY C 31 7.29 19.62 16.91
CA GLY C 31 7.65 20.57 15.86
C GLY C 31 6.95 20.36 14.53
N TYR C 32 6.29 19.21 14.37
CA TYR C 32 5.72 18.82 13.08
C TYR C 32 4.29 18.32 13.26
N TRP C 33 3.57 18.24 12.14
CA TRP C 33 2.25 17.63 12.10
C TRP C 33 2.36 16.12 11.95
N ILE C 34 1.35 15.41 12.45
CA ILE C 34 1.09 14.02 12.11
C ILE C 34 -0.15 14.00 11.24
N GLU C 35 -0.04 13.39 10.06
CA GLU C 35 -1.16 13.19 9.17
C GLU C 35 -1.58 11.73 9.19
N TRP C 36 -2.88 11.46 9.09
CA TRP C 36 -3.41 10.11 9.10
C TRP C 36 -4.04 9.79 7.75
N LEU C 37 -3.70 8.64 7.18
CA LEU C 37 -4.16 8.23 5.87
C LEU C 37 -4.81 6.85 5.94
N LYS C 38 -5.78 6.62 5.06
CA LYS C 38 -6.52 5.36 4.99
C LYS C 38 -6.32 4.75 3.61
N GLN C 39 -5.98 3.46 3.57
CA GLN C 39 -5.80 2.78 2.29
C GLN C 39 -6.54 1.45 2.32
N ARG C 40 -7.66 1.36 1.60
CA ARG C 40 -8.20 0.02 1.50
C ARG C 40 -8.15 -0.49 0.07
N PRO C 41 -8.04 -1.81 -0.12
CA PRO C 41 -7.99 -2.35 -1.49
C PRO C 41 -9.17 -1.91 -2.32
N GLY C 42 -8.89 -1.54 -3.56
CA GLY C 42 -9.89 -0.97 -4.45
C GLY C 42 -9.96 0.54 -4.42
N HIS C 43 -9.42 1.16 -3.38
CA HIS C 43 -9.34 2.61 -3.28
C HIS C 43 -7.87 2.99 -3.21
N GLY C 44 -7.58 4.24 -3.52
CA GLY C 44 -6.21 4.70 -3.42
C GLY C 44 -5.84 5.01 -1.99
N LEU C 45 -5.22 6.15 -1.78
CA LEU C 45 -4.98 6.69 -0.46
C LEU C 45 -6.00 7.78 -0.17
N GLU C 46 -6.53 7.79 1.04
CA GLU C 46 -7.50 8.78 1.46
C GLU C 46 -6.99 9.49 2.70
N TRP C 47 -7.08 10.81 2.72
CA TRP C 47 -6.62 11.58 3.87
C TRP C 47 -7.70 11.60 4.95
N VAL C 48 -7.36 11.15 6.15
CA VAL C 48 -8.31 11.21 7.27
C VAL C 48 -8.28 12.56 7.97
N GLY C 49 -7.08 13.08 8.23
CA GLY C 49 -6.96 14.32 8.96
C GLY C 49 -5.56 14.47 9.51
N GLU C 50 -5.40 15.47 10.39
CA GLU C 50 -4.07 15.82 10.91
C GLU C 50 -4.20 16.35 12.33
N ILE C 51 -3.12 16.22 13.07
CA ILE C 51 -2.99 16.86 14.38
C ILE C 51 -1.61 17.51 14.45
N PHE C 52 -1.54 18.70 15.06
CA PHE C 52 -0.24 19.25 15.42
C PHE C 52 -0.05 19.00 16.91
N PRO C 53 0.73 17.99 17.31
CA PRO C 53 0.73 17.59 18.72
C PRO C 53 1.25 18.67 19.66
N GLY C 54 2.10 19.58 19.17
CA GLY C 54 2.61 20.65 20.02
C GLY C 54 1.56 21.64 20.47
N SER C 55 0.40 21.67 19.80
CA SER C 55 -0.68 22.59 20.15
C SER C 55 -2.00 21.90 20.46
N GLY C 56 -2.24 20.70 19.94
CA GLY C 56 -3.55 20.09 20.02
C GLY C 56 -4.46 20.39 18.84
N ARG C 57 -4.04 21.25 17.91
CA ARG C 57 -4.88 21.60 16.78
C ARG C 57 -5.10 20.39 15.87
N THR C 58 -6.34 20.20 15.45
CA THR C 58 -6.72 19.06 14.62
C THR C 58 -7.60 19.51 13.45
N LYS C 59 -7.46 18.81 12.33
CA LYS C 59 -8.29 19.05 11.16
C LYS C 59 -8.72 17.71 10.59
N TYR C 60 -9.95 17.65 10.10
CA TYR C 60 -10.57 16.39 9.67
C TYR C 60 -11.18 16.49 8.29
N ASN C 61 -11.02 15.41 7.53
CA ASN C 61 -11.74 15.24 6.28
C ASN C 61 -13.24 15.06 6.59
N GLU C 62 -14.07 15.92 6.00
CA GLU C 62 -15.51 15.88 6.25
C GLU C 62 -16.10 14.51 5.96
N LYS C 63 -15.51 13.75 5.04
CA LYS C 63 -16.12 12.48 4.65
C LYS C 63 -16.19 11.48 5.80
N PHE C 64 -15.41 11.67 6.87
CA PHE C 64 -15.48 10.74 8.00
C PHE C 64 -16.59 11.09 8.98
N LYS C 65 -17.32 12.18 8.72
CA LYS C 65 -18.55 12.52 9.45
C LYS C 65 -18.31 12.64 10.96
N GLY C 66 -17.13 13.11 11.37
CA GLY C 66 -16.85 13.30 12.77
C GLY C 66 -16.52 12.05 13.56
N ARG C 67 -16.42 10.88 12.91
CA ARG C 67 -16.16 9.63 13.59
C ARG C 67 -14.70 9.44 13.98
N ALA C 68 -13.79 10.28 13.47
CA ALA C 68 -12.38 10.20 13.83
C ALA C 68 -12.05 11.31 14.83
N THR C 69 -11.20 10.98 15.81
CA THR C 69 -10.67 11.96 16.75
C THR C 69 -9.19 11.71 16.95
N PHE C 70 -8.38 12.76 16.79
CA PHE C 70 -6.93 12.67 16.98
C PHE C 70 -6.54 13.25 18.33
N THR C 71 -5.62 12.55 19.02
CA THR C 71 -5.04 13.06 20.26
C THR C 71 -3.55 12.78 20.25
N ALA C 72 -2.86 13.31 21.27
CA ALA C 72 -1.43 13.10 21.38
C ALA C 72 -1.01 13.10 22.84
N ASP C 73 0.07 12.36 23.12
CA ASP C 73 0.78 12.41 24.39
C ASP C 73 2.21 12.84 24.09
N THR C 74 2.52 14.12 24.31
CA THR C 74 3.83 14.62 23.91
C THR C 74 4.96 14.00 24.73
N SER C 75 4.70 13.58 25.97
CA SER C 75 5.77 12.97 26.75
C SER C 75 6.20 11.62 26.17
N SER C 76 5.34 10.97 25.39
CA SER C 76 5.63 9.68 24.79
C SER C 76 5.98 9.79 23.31
N ASN C 77 5.90 10.99 22.74
CA ASN C 77 6.03 11.19 21.29
C ASN C 77 5.04 10.31 20.53
N MET C 78 3.81 10.27 21.03
CA MET C 78 2.78 9.39 20.48
C MET C 78 1.57 10.19 20.02
N ALA C 79 1.12 9.91 18.80
CA ALA C 79 -0.14 10.43 18.29
C ALA C 79 -1.13 9.27 18.16
N TYR C 80 -2.40 9.58 18.39
CA TYR C 80 -3.47 8.60 18.39
C TYR C 80 -4.55 9.00 17.40
N MET C 81 -5.12 8.00 16.74
CA MET C 81 -6.34 8.18 15.94
C MET C 81 -7.40 7.23 16.47
N GLN C 82 -8.52 7.80 16.92
CA GLN C 82 -9.67 7.02 17.33
C GLN C 82 -10.71 7.05 16.21
N LEU C 83 -11.17 5.89 15.77
CA LEU C 83 -12.19 5.80 14.73
C LEU C 83 -13.37 5.01 15.28
N SER C 84 -14.54 5.64 15.31
CA SER C 84 -15.69 5.08 16.01
C SER C 84 -16.82 4.74 15.02
N SER C 85 -17.84 4.07 15.56
CA SER C 85 -18.95 3.57 14.76
C SER C 85 -18.46 2.84 13.51
N LEU C 86 -17.57 1.87 13.72
CA LEU C 86 -16.91 1.21 12.61
C LEU C 86 -17.90 0.42 11.76
N THR C 87 -17.65 0.40 10.46
CA THR C 87 -18.33 -0.50 9.53
C THR C 87 -17.29 -1.28 8.74
N THR C 88 -17.77 -2.24 7.94
CA THR C 88 -16.86 -3.02 7.11
C THR C 88 -16.08 -2.15 6.14
N GLU C 89 -16.62 -0.99 5.76
CA GLU C 89 -15.89 -0.10 4.86
C GLU C 89 -14.70 0.56 5.55
N ASP C 90 -14.61 0.49 6.88
CA ASP C 90 -13.43 0.99 7.57
C ASP C 90 -12.28 -0.02 7.59
N SER C 91 -12.50 -1.25 7.14
CA SER C 91 -11.38 -2.19 6.99
C SER C 91 -10.36 -1.62 6.02
N ALA C 92 -9.12 -1.47 6.49
CA ALA C 92 -8.10 -0.80 5.69
C ALA C 92 -6.77 -0.86 6.45
N ILE C 93 -5.72 -0.44 5.76
CA ILE C 93 -4.47 -0.06 6.42
C ILE C 93 -4.52 1.43 6.71
N TYR C 94 -4.20 1.80 7.95
CA TYR C 94 -4.10 3.20 8.35
C TYR C 94 -2.65 3.55 8.58
N TYR C 95 -2.19 4.65 7.98
CA TYR C 95 -0.83 5.15 8.13
C TYR C 95 -0.83 6.48 8.86
N CYS C 96 0.20 6.70 9.66
CA CYS C 96 0.56 8.05 10.07
C CYS C 96 1.78 8.50 9.28
N ALA C 97 1.93 9.81 9.14
CA ALA C 97 3.03 10.34 8.36
C ALA C 97 3.41 11.73 8.86
N ARG C 98 4.69 12.05 8.78
CA ARG C 98 5.17 13.36 9.21
C ARG C 98 4.94 14.41 8.13
N TYR C 99 4.67 15.64 8.56
CA TYR C 99 4.27 16.71 7.65
C TYR C 99 4.65 18.05 8.27
N TYR C 100 4.92 19.04 7.41
CA TYR C 100 5.05 20.42 7.89
C TYR C 100 4.17 21.33 7.05
N TYR C 101 2.97 21.59 7.56
CA TYR C 101 2.04 22.50 6.89
C TYR C 101 2.65 23.89 6.78
N GLY C 102 2.46 24.51 5.62
CA GLY C 102 3.13 25.75 5.31
C GLY C 102 4.28 25.54 4.32
N SER C 103 4.97 24.43 4.44
CA SER C 103 5.99 24.04 3.47
C SER C 103 5.36 23.28 2.32
N TYR C 104 6.15 23.04 1.27
CA TYR C 104 5.76 22.10 0.22
C TYR C 104 6.61 20.83 0.28
N TYR C 105 7.13 20.52 1.46
CA TYR C 105 7.97 19.34 1.66
C TYR C 105 7.18 18.02 1.62
N ALA C 106 5.85 18.08 1.72
CA ALA C 106 4.97 16.92 1.58
C ALA C 106 5.13 15.90 2.71
N LEU C 107 4.67 14.66 2.49
CA LEU C 107 4.61 13.65 3.54
C LEU C 107 5.90 12.84 3.48
N ASP C 108 6.90 13.22 4.28
CA ASP C 108 8.24 12.75 3.98
C ASP C 108 8.65 11.47 4.72
N TYR C 109 8.04 11.15 5.86
CA TYR C 109 8.31 9.89 6.55
C TYR C 109 6.99 9.28 6.99
N TRP C 110 6.84 7.98 6.79
CA TRP C 110 5.58 7.28 7.03
C TRP C 110 5.79 6.14 8.02
N GLY C 111 4.78 5.89 8.85
CA GLY C 111 4.75 4.68 9.63
C GLY C 111 4.50 3.48 8.75
N GLN C 112 4.66 2.29 9.34
CA GLN C 112 4.54 1.04 8.61
C GLN C 112 3.08 0.62 8.40
N GLY C 113 2.13 1.32 9.00
CA GLY C 113 0.73 0.98 8.81
C GLY C 113 0.20 0.07 9.90
N THR C 114 -1.10 0.24 10.19
CA THR C 114 -1.85 -0.65 11.08
C THR C 114 -3.04 -1.18 10.33
N SER C 115 -3.17 -2.51 10.28
CA SER C 115 -4.29 -3.14 9.60
C SER C 115 -5.48 -3.20 10.55
N VAL C 116 -6.63 -2.75 10.08
CA VAL C 116 -7.89 -2.83 10.82
C VAL C 116 -8.86 -3.66 10.00
N THR C 117 -9.40 -4.71 10.60
CA THR C 117 -10.45 -5.53 10.00
C THR C 117 -11.72 -5.34 10.82
N VAL C 118 -12.82 -4.98 10.16
CA VAL C 118 -14.11 -4.81 10.81
C VAL C 118 -15.04 -5.91 10.30
N SER C 119 -15.49 -6.77 11.21
CA SER C 119 -16.29 -7.92 10.81
C SER C 119 -17.07 -8.43 12.01
N SER C 120 -18.28 -8.92 11.76
CA SER C 120 -19.09 -9.56 12.79
C SER C 120 -18.79 -11.05 12.91
N ALA C 121 -17.86 -11.57 12.13
CA ALA C 121 -17.58 -13.00 12.14
C ALA C 121 -16.83 -13.40 13.41
N LYS C 122 -16.99 -14.66 13.79
CA LYS C 122 -16.26 -15.25 14.89
CA LYS C 122 -16.28 -15.27 14.90
C LYS C 122 -15.19 -16.18 14.36
N THR C 123 -14.24 -16.53 15.23
CA THR C 123 -13.17 -17.45 14.85
C THR C 123 -13.76 -18.75 14.31
N THR C 124 -13.50 -19.04 13.04
CA THR C 124 -14.08 -20.19 12.38
C THR C 124 -13.00 -20.98 11.65
N ALA C 125 -12.97 -22.29 11.89
CA ALA C 125 -11.98 -23.16 11.27
C ALA C 125 -12.30 -23.39 9.79
N PRO C 126 -11.28 -23.51 8.95
CA PRO C 126 -11.54 -23.76 7.53
C PRO C 126 -11.90 -25.21 7.26
N SER C 127 -12.65 -25.41 6.19
CA SER C 127 -12.83 -26.72 5.59
C SER C 127 -11.79 -26.87 4.49
N VAL C 128 -11.05 -27.98 4.51
CA VAL C 128 -9.99 -28.21 3.54
C VAL C 128 -10.40 -29.39 2.66
N TYR C 129 -10.43 -29.17 1.35
CA TYR C 129 -10.90 -30.18 0.43
C TYR C 129 -9.83 -30.50 -0.61
N PRO C 130 -9.46 -31.77 -0.79
CA PRO C 130 -8.53 -32.13 -1.85
C PRO C 130 -9.21 -32.11 -3.22
N LEU C 131 -8.50 -31.63 -4.22
CA LEU C 131 -9.03 -31.50 -5.58
C LEU C 131 -8.20 -32.39 -6.50
N ALA C 132 -8.67 -33.62 -6.69
CA ALA C 132 -8.08 -34.54 -7.64
C ALA C 132 -8.53 -34.19 -9.05
N PRO C 133 -7.76 -34.57 -10.07
CA PRO C 133 -8.15 -34.28 -11.45
C PRO C 133 -9.49 -34.89 -11.78
N VAL C 134 -10.07 -34.43 -12.90
CA VAL C 134 -11.31 -35.03 -13.39
C VAL C 134 -11.10 -36.52 -13.53
N CYS C 135 -12.13 -37.28 -13.16
CA CYS C 135 -11.98 -38.73 -13.14
C CYS C 135 -11.81 -39.28 -14.55
N GLY C 136 -11.19 -40.45 -14.62
CA GLY C 136 -10.72 -41.01 -15.86
C GLY C 136 -9.29 -40.63 -16.18
N GLY C 137 -8.83 -39.50 -15.67
CA GLY C 137 -7.46 -39.07 -15.85
C GLY C 137 -7.32 -37.97 -16.89
N THR C 138 -6.21 -37.26 -16.83
CA THR C 138 -5.87 -36.26 -17.83
C THR C 138 -5.13 -36.86 -19.02
N THR C 139 -4.58 -38.06 -18.87
CA THR C 139 -3.87 -38.77 -19.95
C THR C 139 -2.76 -37.93 -20.56
N GLY C 140 -2.17 -37.04 -19.75
CA GLY C 140 -1.06 -36.22 -20.18
C GLY C 140 0.20 -36.54 -19.40
N SER C 141 1.29 -35.88 -19.81
CA SER C 141 2.55 -36.05 -19.11
C SER C 141 2.64 -35.18 -17.86
N SER C 142 1.86 -34.10 -17.79
CA SER C 142 1.75 -33.26 -16.61
C SER C 142 0.39 -33.47 -15.97
N VAL C 143 0.31 -33.15 -14.68
CA VAL C 143 -0.95 -33.26 -13.96
C VAL C 143 -1.01 -32.14 -12.93
N THR C 144 -2.17 -31.50 -12.84
CA THR C 144 -2.38 -30.41 -11.91
C THR C 144 -3.36 -30.85 -10.82
N LEU C 145 -2.97 -30.64 -9.58
CA LEU C 145 -3.79 -30.95 -8.41
C LEU C 145 -4.19 -29.66 -7.71
N GLY C 146 -5.22 -29.76 -6.87
CA GLY C 146 -5.75 -28.58 -6.21
C GLY C 146 -6.06 -28.86 -4.75
N CYS C 147 -6.18 -27.77 -4.00
CA CYS C 147 -6.55 -27.80 -2.60
C CYS C 147 -7.43 -26.58 -2.32
N LEU C 148 -8.60 -26.81 -1.75
CA LEU C 148 -9.60 -25.77 -1.52
C LEU C 148 -9.74 -25.53 -0.02
N VAL C 149 -9.53 -24.29 0.41
CA VAL C 149 -9.63 -23.89 1.81
C VAL C 149 -10.80 -22.92 1.91
N LYS C 150 -11.87 -23.35 2.58
CA LYS C 150 -13.14 -22.63 2.52
C LYS C 150 -13.65 -22.29 3.92
N GLY C 151 -14.16 -21.07 4.08
CA GLY C 151 -14.92 -20.68 5.24
C GLY C 151 -14.18 -20.50 6.54
N TYR C 152 -13.09 -19.73 6.55
CA TYR C 152 -12.34 -19.52 7.78
C TYR C 152 -12.31 -18.04 8.16
N PHE C 153 -11.99 -17.80 9.42
CA PHE C 153 -11.90 -16.46 9.96
C PHE C 153 -11.16 -16.50 11.28
N PRO C 154 -10.23 -15.55 11.50
CA PRO C 154 -9.79 -14.53 10.53
C PRO C 154 -8.61 -15.01 9.69
N GLU C 155 -8.04 -14.11 8.89
CA GLU C 155 -6.79 -14.41 8.22
C GLU C 155 -5.68 -14.43 9.28
N PRO C 156 -4.57 -15.13 9.00
CA PRO C 156 -4.25 -15.88 7.79
C PRO C 156 -4.32 -17.40 7.96
N VAL C 157 -4.09 -18.11 6.86
CA VAL C 157 -3.77 -19.52 6.89
C VAL C 157 -2.42 -19.70 6.21
N THR C 158 -1.77 -20.83 6.50
CA THR C 158 -0.56 -21.23 5.82
C THR C 158 -0.85 -22.53 5.08
N LEU C 159 -0.58 -22.54 3.78
CA LEU C 159 -0.80 -23.72 2.95
C LEU C 159 0.51 -24.15 2.34
N THR C 160 0.82 -25.44 2.48
CA THR C 160 2.01 -26.03 1.89
C THR C 160 1.62 -27.32 1.18
N TRP C 161 2.52 -27.78 0.31
CA TRP C 161 2.37 -29.07 -0.34
C TRP C 161 3.49 -29.98 0.12
N ASN C 162 3.12 -31.18 0.58
CA ASN C 162 4.06 -32.14 1.15
C ASN C 162 4.92 -31.50 2.23
N SER C 163 4.25 -30.81 3.16
CA SER C 163 4.89 -30.14 4.29
C SER C 163 5.95 -29.13 3.84
N GLY C 164 5.76 -28.56 2.64
CA GLY C 164 6.67 -27.57 2.13
C GLY C 164 7.79 -28.10 1.24
N SER C 165 7.96 -29.42 1.16
CA SER C 165 9.01 -29.96 0.30
C SER C 165 8.64 -29.83 -1.17
N LEU C 166 7.35 -29.82 -1.49
CA LEU C 166 6.87 -29.62 -2.85
C LEU C 166 6.54 -28.13 -2.99
N SER C 167 7.52 -27.35 -3.46
CA SER C 167 7.39 -25.92 -3.56
C SER C 167 7.43 -25.37 -4.97
N SER C 168 7.87 -26.16 -5.94
CA SER C 168 7.93 -25.72 -7.32
C SER C 168 6.60 -25.98 -8.01
N GLY C 169 6.28 -25.15 -9.00
CA GLY C 169 5.03 -25.31 -9.74
C GLY C 169 3.78 -25.13 -8.91
N VAL C 170 3.83 -24.25 -7.90
CA VAL C 170 2.72 -24.02 -6.99
C VAL C 170 2.17 -22.62 -7.21
N HIS C 171 0.84 -22.49 -7.25
CA HIS C 171 0.18 -21.20 -7.23
C HIS C 171 -0.84 -21.21 -6.11
N THR C 172 -0.64 -20.38 -5.09
CA THR C 172 -1.60 -20.23 -4.00
C THR C 172 -2.26 -18.87 -4.15
N PHE C 173 -3.51 -18.87 -4.34
CA PHE C 173 -4.19 -17.64 -4.75
C PHE C 173 -4.63 -16.81 -3.55
N PRO C 174 -4.71 -15.49 -3.73
CA PRO C 174 -5.15 -14.63 -2.63
C PRO C 174 -6.53 -15.01 -2.11
N ALA C 175 -6.70 -14.89 -0.80
CA ALA C 175 -7.97 -15.22 -0.18
C ALA C 175 -9.02 -14.17 -0.53
N LEU C 176 -10.26 -14.62 -0.73
CA LEU C 176 -11.37 -13.73 -0.99
C LEU C 176 -12.42 -13.91 0.10
N LEU C 177 -13.16 -12.84 0.34
CA LEU C 177 -14.26 -12.89 1.30
C LEU C 177 -15.50 -13.42 0.61
N GLN C 178 -16.19 -14.37 1.27
CA GLN C 178 -17.39 -14.98 0.72
C GLN C 178 -18.38 -15.20 1.87
N SER C 179 -19.45 -14.40 1.90
CA SER C 179 -20.47 -14.49 2.94
C SER C 179 -19.87 -14.34 4.34
N GLY C 180 -18.95 -13.39 4.48
CA GLY C 180 -18.34 -13.11 5.77
C GLY C 180 -17.13 -13.96 6.12
N LEU C 181 -16.83 -15.00 5.34
CA LEU C 181 -15.69 -15.87 5.62
C LEU C 181 -14.74 -15.90 4.44
N TYR C 182 -13.49 -16.28 4.70
CA TYR C 182 -12.44 -16.27 3.70
C TYR C 182 -12.31 -17.64 3.02
N THR C 183 -11.91 -17.61 1.76
CA THR C 183 -11.66 -18.81 0.97
C THR C 183 -10.47 -18.57 0.06
N LEU C 184 -9.55 -19.55 0.01
CA LEU C 184 -8.50 -19.53 -0.99
C LEU C 184 -8.33 -20.94 -1.54
N SER C 185 -7.54 -21.03 -2.60
CA SER C 185 -7.20 -22.33 -3.19
C SER C 185 -5.76 -22.29 -3.65
N SER C 186 -5.23 -23.47 -3.94
CA SER C 186 -3.86 -23.58 -4.40
C SER C 186 -3.79 -24.69 -5.45
N SER C 187 -3.01 -24.46 -6.49
CA SER C 187 -2.75 -25.47 -7.51
C SER C 187 -1.29 -25.88 -7.45
N VAL C 188 -1.03 -27.14 -7.78
CA VAL C 188 0.33 -27.64 -7.92
C VAL C 188 0.37 -28.53 -9.16
N THR C 189 1.43 -28.39 -9.95
CA THR C 189 1.59 -29.15 -11.18
C THR C 189 2.84 -30.01 -11.05
N VAL C 190 2.70 -31.31 -11.32
CA VAL C 190 3.77 -32.27 -11.25
C VAL C 190 3.67 -33.17 -12.49
N THR C 191 4.67 -34.03 -12.65
CA THR C 191 4.65 -34.93 -13.79
C THR C 191 3.80 -36.16 -13.47
N SER C 192 3.32 -36.82 -14.54
CA SER C 192 2.51 -38.02 -14.37
C SER C 192 3.28 -39.16 -13.73
N ASN C 193 4.61 -39.14 -13.82
CA ASN C 193 5.42 -40.14 -13.11
C ASN C 193 5.41 -39.91 -11.62
N THR C 194 5.20 -38.65 -11.19
CA THR C 194 5.22 -38.33 -9.77
C THR C 194 3.92 -38.76 -9.09
N TRP C 195 2.78 -38.31 -9.63
CA TRP C 195 1.49 -38.56 -9.01
C TRP C 195 0.64 -39.43 -9.92
N PRO C 196 -0.13 -40.37 -9.35
CA PRO C 196 -0.31 -40.64 -7.93
C PRO C 196 0.58 -41.73 -7.35
N SER C 197 1.61 -42.15 -8.10
CA SER C 197 2.53 -43.17 -7.58
C SER C 197 3.23 -42.70 -6.31
N GLN C 198 3.45 -41.40 -6.18
CA GLN C 198 3.99 -40.79 -4.97
C GLN C 198 2.92 -39.94 -4.33
N THR C 199 2.87 -39.96 -3.00
CA THR C 199 1.84 -39.25 -2.25
C THR C 199 2.05 -37.74 -2.34
N ILE C 200 0.96 -37.01 -2.56
CA ILE C 200 0.96 -35.56 -2.49
C ILE C 200 -0.15 -35.12 -1.54
N THR C 201 0.21 -34.32 -0.55
CA THR C 201 -0.70 -33.89 0.50
C THR C 201 -0.65 -32.37 0.63
N CYS C 202 -1.81 -31.73 0.76
CA CYS C 202 -1.86 -30.30 1.04
CA CYS C 202 -1.91 -30.31 1.03
C CYS C 202 -2.07 -30.10 2.53
N ASN C 203 -1.18 -29.32 3.13
CA ASN C 203 -1.21 -29.05 4.56
C ASN C 203 -1.70 -27.63 4.77
N VAL C 204 -2.68 -27.47 5.65
CA VAL C 204 -3.28 -26.17 5.92
C VAL C 204 -3.26 -25.93 7.42
N ALA C 205 -2.74 -24.79 7.83
CA ALA C 205 -2.73 -24.38 9.23
C ALA C 205 -3.52 -23.09 9.38
N HIS C 206 -4.47 -23.08 10.33
CA HIS C 206 -5.19 -21.87 10.70
C HIS C 206 -5.01 -21.68 12.20
N PRO C 207 -3.91 -21.04 12.61
CA PRO C 207 -3.57 -20.99 14.04
C PRO C 207 -4.67 -20.39 14.91
N ALA C 208 -5.48 -19.47 14.38
CA ALA C 208 -6.51 -18.84 15.18
C ALA C 208 -7.49 -19.87 15.74
N SER C 209 -7.84 -20.88 14.95
CA SER C 209 -8.77 -21.92 15.39
C SER C 209 -8.05 -23.19 15.83
N SER C 210 -6.73 -23.14 16.01
CA SER C 210 -5.94 -24.28 16.49
C SER C 210 -6.09 -25.49 15.57
N THR C 211 -6.20 -25.24 14.27
CA THR C 211 -6.43 -26.29 13.29
C THR C 211 -5.19 -26.52 12.42
N LYS C 212 -4.91 -27.79 12.17
CA LYS C 212 -3.82 -28.18 11.28
C LYS C 212 -4.27 -29.46 10.60
N VAL C 213 -4.58 -29.36 9.31
CA VAL C 213 -5.22 -30.46 8.57
C VAL C 213 -4.30 -30.89 7.44
N ASP C 214 -4.24 -32.20 7.22
CA ASP C 214 -3.52 -32.79 6.10
C ASP C 214 -4.52 -33.54 5.23
N LYS C 215 -4.63 -33.13 3.97
CA LYS C 215 -5.56 -33.76 3.03
C LYS C 215 -4.74 -34.32 1.86
N LYS C 216 -4.59 -35.65 1.84
CA LYS C 216 -3.90 -36.30 0.74
C LYS C 216 -4.78 -36.26 -0.51
N ILE C 217 -4.16 -35.91 -1.65
CA ILE C 217 -4.88 -35.88 -2.92
C ILE C 217 -5.01 -37.32 -3.41
N GLU C 218 -6.24 -37.87 -3.34
CA GLU C 218 -6.53 -39.24 -3.74
C GLU C 218 -7.19 -39.27 -5.11
N PRO C 219 -6.73 -40.15 -6.00
CA PRO C 219 -7.41 -40.30 -7.30
C PRO C 219 -8.88 -40.58 -7.11
N ARG C 220 -9.71 -39.94 -7.94
CA ARG C 220 -11.15 -40.09 -7.81
C ARG C 220 -11.60 -41.49 -8.23
N VAL C 221 -12.63 -42.00 -7.55
CA VAL C 221 -13.23 -43.29 -7.85
C VAL C 221 -14.68 -43.03 -8.26
N PRO C 222 -15.31 -43.97 -8.98
CA PRO C 222 -16.69 -43.81 -9.45
C PRO C 222 -17.68 -43.48 -8.34
#